data_9AZZ
#
_entry.id   9AZZ
#
_cell.length_a   80.647
_cell.length_b   53.021
_cell.length_c   80.802
_cell.angle_alpha   90.00
_cell.angle_beta   116.96
_cell.angle_gamma   90.00
#
_symmetry.space_group_name_H-M   'P 1 21 1'
#
loop_
_entity.id
_entity.type
_entity.pdbx_description
1 polymer 'Outer membrane lipoprotein carrier protein LolA'
2 non-polymer GLYCEROL
3 non-polymer 'TETRAETHYLENE GLYCOL'
4 water water
#
_entity_poly.entity_id   1
_entity_poly.type   'polypeptide(L)'
_entity_poly.pdbx_seq_one_letter_code
;MEADIRVDTIKNALTYFDAVRSFKAEFIQISSTDNIPRYGQVLMRKPGLLKWNYYPPTPVSIIIKGKTISYYDRELEEYS
YTTINSPIINLLSSDMKNISTIDFVNIDTVNNQKIVTLYDKKSESQAEVIFNINPITIVGLNISNPDSTTSIQFYNISSN
IPIDKAEFKHDISHYYSELEHHHHHH
;
_entity_poly.pdbx_strand_id   A,B,C
#
loop_
_chem_comp.id
_chem_comp.type
_chem_comp.name
_chem_comp.formula
GOL non-polymer GLYCEROL 'C3 H8 O3'
PG4 non-polymer 'TETRAETHYLENE GLYCOL' 'C8 H18 O5'
#
# COMPACT_ATOMS: atom_id res chain seq x y z
N ILE A 5 -4.63 -27.79 31.84
CA ILE A 5 -4.57 -26.44 31.26
C ILE A 5 -4.86 -26.46 29.77
N ARG A 6 -4.42 -27.52 29.07
CA ARG A 6 -4.64 -27.55 27.62
C ARG A 6 -6.11 -27.41 27.29
N VAL A 7 -6.98 -28.16 27.98
CA VAL A 7 -8.39 -28.19 27.63
C VAL A 7 -9.04 -26.83 27.81
N ASP A 8 -8.76 -26.18 28.94
CA ASP A 8 -9.38 -24.88 29.20
C ASP A 8 -8.93 -23.84 28.20
N THR A 9 -7.67 -23.93 27.78
CA THR A 9 -7.18 -23.02 26.74
C THR A 9 -7.98 -23.15 25.44
N ILE A 10 -8.17 -24.37 24.98
CA ILE A 10 -8.91 -24.60 23.73
C ILE A 10 -10.35 -24.12 23.87
N LYS A 11 -11.01 -24.49 24.96
CA LYS A 11 -12.41 -24.12 25.13
C LYS A 11 -12.58 -22.62 25.12
N ASN A 12 -11.68 -21.90 25.79
CA ASN A 12 -11.79 -20.46 25.88
C ASN A 12 -11.46 -19.79 24.55
N ALA A 13 -10.44 -20.32 23.85
CA ALA A 13 -10.11 -19.78 22.52
C ALA A 13 -11.29 -19.98 21.57
N LEU A 14 -11.92 -21.16 21.61
CA LEU A 14 -13.07 -21.43 20.76
C LEU A 14 -14.24 -20.51 21.10
N THR A 15 -14.37 -20.12 22.35
CA THR A 15 -15.41 -19.17 22.71
C THR A 15 -15.23 -17.83 22.03
N TYR A 16 -14.00 -17.30 21.96
CA TYR A 16 -13.80 -15.99 21.33
C TYR A 16 -14.09 -16.05 19.84
N PHE A 17 -13.60 -17.08 19.15
CA PHE A 17 -13.96 -17.24 17.75
C PHE A 17 -15.47 -17.38 17.59
N ASP A 18 -16.12 -18.12 18.49
CA ASP A 18 -17.53 -18.42 18.34
C ASP A 18 -18.39 -17.18 18.42
N ALA A 19 -17.88 -16.12 19.04
CA ALA A 19 -18.69 -14.92 19.20
C ALA A 19 -18.88 -14.15 17.90
N VAL A 20 -18.04 -14.37 16.90
CA VAL A 20 -18.14 -13.65 15.64
C VAL A 20 -18.73 -14.59 14.58
N ARG A 21 -20.01 -14.41 14.25
CA ARG A 21 -20.67 -15.24 13.26
CA ARG A 21 -20.70 -15.22 13.26
C ARG A 21 -20.56 -14.66 11.86
N SER A 22 -20.43 -13.33 11.75
CA SER A 22 -20.28 -12.63 10.49
C SER A 22 -19.66 -11.28 10.80
N PHE A 23 -19.05 -10.70 9.79
CA PHE A 23 -18.68 -9.30 9.94
C PHE A 23 -18.46 -8.71 8.58
N LYS A 24 -18.60 -7.41 8.55
CA LYS A 24 -18.20 -6.58 7.43
C LYS A 24 -17.27 -5.52 7.98
N ALA A 25 -16.11 -5.35 7.36
CA ALA A 25 -15.18 -4.38 7.88
C ALA A 25 -14.25 -3.88 6.77
N GLU A 26 -13.55 -2.80 7.09
CA GLU A 26 -12.42 -2.34 6.31
C GLU A 26 -11.16 -2.94 6.91
N PHE A 27 -10.12 -3.05 6.09
CA PHE A 27 -8.88 -3.62 6.61
C PHE A 27 -7.71 -2.82 6.04
N ILE A 28 -6.64 -2.77 6.83
CA ILE A 28 -5.30 -2.40 6.38
C ILE A 28 -4.42 -3.62 6.52
N GLN A 29 -3.61 -3.89 5.50
CA GLN A 29 -2.78 -5.07 5.51
C GLN A 29 -1.34 -4.64 5.21
N ILE A 30 -0.40 -5.14 5.99
CA ILE A 30 1.01 -4.82 5.81
C ILE A 30 1.89 -6.06 5.90
N SER A 31 2.69 -6.30 4.88
CA SER A 31 3.61 -7.43 4.87
C SER A 31 5.02 -6.97 5.20
N SER A 32 5.77 -7.79 5.97
CA SER A 32 7.15 -7.42 6.27
C SER A 32 8.05 -7.50 5.04
N THR A 33 7.57 -8.09 3.96
CA THR A 33 8.36 -8.15 2.74
C THR A 33 8.59 -6.76 2.13
N ASP A 34 7.55 -5.89 2.07
CA ASP A 34 7.71 -4.56 1.50
C ASP A 34 7.29 -3.41 2.40
N ASN A 35 6.67 -3.69 3.54
CA ASN A 35 6.29 -2.67 4.51
C ASN A 35 5.37 -1.63 3.89
N ILE A 36 4.54 -2.03 2.93
CA ILE A 36 3.63 -1.10 2.25
C ILE A 36 2.20 -1.40 2.70
N PRO A 37 1.50 -0.45 3.30
CA PRO A 37 0.08 -0.67 3.65
C PRO A 37 -0.79 -0.90 2.43
N ARG A 38 -1.59 -1.97 2.47
CA ARG A 38 -2.59 -2.24 1.44
C ARG A 38 -3.95 -2.18 2.11
N TYR A 39 -4.98 -1.75 1.37
CA TYR A 39 -6.29 -1.44 1.92
C TYR A 39 -7.38 -2.21 1.20
N GLY A 40 -8.45 -2.52 1.91
CA GLY A 40 -9.62 -3.04 1.27
C GLY A 40 -10.76 -3.24 2.24
N GLN A 41 -11.70 -4.05 1.78
CA GLN A 41 -12.91 -4.40 2.51
C GLN A 41 -12.98 -5.92 2.63
N VAL A 42 -13.52 -6.40 3.74
CA VAL A 42 -13.63 -7.83 3.99
C VAL A 42 -15.06 -8.16 4.42
N LEU A 43 -15.59 -9.26 3.87
CA LEU A 43 -16.86 -9.80 4.35
C LEU A 43 -16.66 -11.25 4.80
N MET A 44 -17.31 -11.59 5.91
CA MET A 44 -17.21 -12.92 6.48
C MET A 44 -18.59 -13.35 6.95
N ARG A 45 -18.95 -14.59 6.63
CA ARG A 45 -20.19 -15.20 7.09
C ARG A 45 -19.90 -16.66 7.45
N LYS A 46 -20.12 -17.04 8.70
CA LYS A 46 -19.93 -18.45 9.05
C LYS A 46 -21.14 -19.28 8.62
N PRO A 47 -20.92 -20.49 8.16
CA PRO A 47 -19.64 -21.19 7.98
C PRO A 47 -19.02 -20.94 6.60
N GLY A 48 -17.74 -20.59 6.56
CA GLY A 48 -16.95 -20.88 5.39
C GLY A 48 -16.96 -19.88 4.25
N LEU A 49 -17.51 -18.69 4.42
CA LEU A 49 -17.53 -17.67 3.37
C LEU A 49 -16.70 -16.48 3.79
N LEU A 50 -15.76 -16.12 2.92
CA LEU A 50 -14.85 -15.00 3.14
C LEU A 50 -14.60 -14.29 1.80
N LYS A 51 -14.73 -12.98 1.80
CA LYS A 51 -14.42 -12.16 0.65
C LYS A 51 -13.44 -11.07 1.05
N TRP A 52 -12.39 -10.92 0.26
CA TRP A 52 -11.34 -9.94 0.44
C TRP A 52 -11.32 -9.09 -0.82
N ASN A 53 -11.71 -7.82 -0.71
CA ASN A 53 -11.72 -6.91 -1.86
C ASN A 53 -10.66 -5.84 -1.62
N TYR A 54 -9.53 -5.97 -2.31
CA TYR A 54 -8.46 -4.98 -2.18
C TYR A 54 -8.77 -3.75 -3.01
N TYR A 55 -8.45 -2.58 -2.46
CA TYR A 55 -8.64 -1.32 -3.18
C TYR A 55 -7.45 -1.04 -4.09
N PRO A 56 -7.64 -0.23 -5.12
CA PRO A 56 -6.51 0.26 -5.90
C PRO A 56 -5.48 0.92 -5.01
N PRO A 57 -4.19 0.76 -5.31
CA PRO A 57 -3.58 0.23 -6.54
C PRO A 57 -3.43 -1.29 -6.57
N THR A 58 -3.92 -2.01 -5.57
CA THR A 58 -3.83 -3.46 -5.54
C THR A 58 -5.04 -4.02 -6.27
N PRO A 59 -4.89 -4.66 -7.40
CA PRO A 59 -6.05 -5.01 -8.24
C PRO A 59 -6.67 -6.40 -8.02
N VAL A 60 -6.95 -6.75 -6.75
CA VAL A 60 -7.19 -8.15 -6.38
C VAL A 60 -8.48 -8.32 -5.59
N SER A 61 -9.27 -9.30 -6.00
CA SER A 61 -10.49 -9.72 -5.35
C SER A 61 -10.36 -11.22 -5.08
N ILE A 62 -10.66 -11.64 -3.86
CA ILE A 62 -10.48 -13.02 -3.44
C ILE A 62 -11.77 -13.51 -2.82
N ILE A 63 -12.31 -14.64 -3.30
CA ILE A 63 -13.46 -15.28 -2.67
C ILE A 63 -13.01 -16.65 -2.14
N ILE A 64 -13.20 -16.88 -0.85
CA ILE A 64 -12.88 -18.15 -0.21
C ILE A 64 -14.18 -18.81 0.25
N LYS A 65 -14.42 -20.01 -0.25
CA LYS A 65 -15.62 -20.79 0.05
C LYS A 65 -15.15 -22.14 0.55
N GLY A 66 -15.19 -22.35 1.85
CA GLY A 66 -14.63 -23.56 2.44
C GLY A 66 -13.13 -23.45 2.28
N LYS A 67 -12.49 -24.39 1.60
CA LYS A 67 -11.08 -24.27 1.27
C LYS A 67 -10.83 -23.91 -0.21
N THR A 68 -11.88 -23.72 -1.02
CA THR A 68 -11.69 -23.30 -2.41
C THR A 68 -11.47 -21.81 -2.44
N ILE A 69 -10.56 -21.38 -3.32
CA ILE A 69 -10.18 -19.99 -3.44
C ILE A 69 -10.37 -19.58 -4.89
N SER A 70 -11.07 -18.46 -5.10
CA SER A 70 -11.20 -17.81 -6.40
C SER A 70 -10.54 -16.45 -6.32
N TYR A 71 -9.56 -16.22 -7.19
CA TYR A 71 -8.74 -15.02 -7.19
C TYR A 71 -9.00 -14.32 -8.52
N TYR A 72 -9.44 -13.06 -8.46
CA TYR A 72 -9.71 -12.28 -9.68
C TYR A 72 -8.79 -11.06 -9.73
N ASP A 73 -7.99 -10.97 -10.77
CA ASP A 73 -7.07 -9.84 -10.98
C ASP A 73 -7.75 -8.81 -11.91
N ARG A 74 -8.11 -7.63 -11.36
CA ARG A 74 -8.85 -6.64 -12.13
CA ARG A 74 -8.85 -6.64 -12.13
C ARG A 74 -8.00 -6.03 -13.24
N GLU A 75 -6.71 -5.83 -12.99
CA GLU A 75 -5.85 -5.26 -14.01
C GLU A 75 -5.70 -6.19 -15.21
N LEU A 76 -5.46 -7.47 -14.96
CA LEU A 76 -5.32 -8.46 -16.01
C LEU A 76 -6.65 -9.05 -16.46
N GLU A 77 -7.72 -8.89 -15.69
CA GLU A 77 -8.97 -9.56 -15.98
C GLU A 77 -8.72 -11.07 -16.13
N GLU A 78 -7.96 -11.62 -15.18
CA GLU A 78 -7.65 -13.04 -15.12
C GLU A 78 -8.10 -13.63 -13.79
N TYR A 79 -8.52 -14.89 -13.84
CA TYR A 79 -8.87 -15.67 -12.67
C TYR A 79 -7.78 -16.67 -12.32
N SER A 80 -7.70 -16.97 -11.04
CA SER A 80 -6.97 -18.15 -10.60
C SER A 80 -7.87 -18.90 -9.65
N TYR A 81 -7.80 -20.23 -9.71
CA TYR A 81 -8.59 -21.07 -8.83
C TYR A 81 -7.67 -22.08 -8.18
N THR A 82 -7.79 -22.24 -6.87
CA THR A 82 -7.08 -23.33 -6.23
C THR A 82 -7.79 -23.69 -4.93
N THR A 83 -7.27 -24.72 -4.29
CA THR A 83 -7.74 -25.21 -3.02
C THR A 83 -6.53 -25.42 -2.14
N ILE A 84 -6.56 -24.90 -0.91
CA ILE A 84 -5.52 -25.18 0.07
C ILE A 84 -6.21 -25.65 1.35
N ASN A 85 -5.90 -26.89 1.77
CA ASN A 85 -6.51 -27.47 2.98
C ASN A 85 -5.54 -27.31 4.14
N SER A 86 -5.52 -26.10 4.66
CA SER A 86 -4.72 -25.65 5.77
C SER A 86 -5.66 -24.96 6.74
N PRO A 87 -5.60 -25.27 8.04
CA PRO A 87 -6.53 -24.61 8.98
C PRO A 87 -6.40 -23.11 8.95
N ILE A 88 -5.27 -22.60 8.48
CA ILE A 88 -5.00 -21.17 8.49
C ILE A 88 -5.71 -20.36 7.39
N ILE A 89 -5.98 -20.96 6.23
CA ILE A 89 -6.38 -20.17 5.04
C ILE A 89 -7.66 -19.38 5.26
N ASN A 90 -8.69 -20.04 5.73
CA ASN A 90 -10.01 -19.46 5.93
C ASN A 90 -10.30 -19.42 7.41
N LEU A 91 -9.29 -19.06 8.18
CA LEU A 91 -9.46 -19.05 9.64
C LEU A 91 -10.64 -18.18 10.11
N LEU A 92 -10.86 -17.03 9.47
CA LEU A 92 -11.85 -16.09 10.00
C LEU A 92 -13.27 -16.62 9.91
N SER A 93 -13.59 -17.46 8.93
CA SER A 93 -14.93 -18.01 8.79
C SER A 93 -15.01 -19.48 9.18
N SER A 94 -13.96 -20.05 9.76
CA SER A 94 -13.94 -21.49 9.91
C SER A 94 -14.86 -21.94 11.03
N ASP A 95 -15.36 -23.16 10.92
CA ASP A 95 -16.15 -23.75 11.97
C ASP A 95 -15.22 -24.28 13.04
N MET A 96 -15.79 -24.95 14.05
CA MET A 96 -14.93 -25.44 15.14
C MET A 96 -14.13 -26.64 14.66
N LYS A 97 -14.63 -27.36 13.64
CA LYS A 97 -13.89 -28.49 13.09
C LYS A 97 -12.52 -28.07 12.56
N ASN A 98 -12.49 -26.97 11.81
CA ASN A 98 -11.22 -26.52 11.25
C ASN A 98 -10.24 -26.15 12.36
N ILE A 99 -10.69 -25.33 13.31
CA ILE A 99 -9.79 -24.87 14.36
C ILE A 99 -9.20 -26.07 15.10
N SER A 100 -10.02 -27.09 15.35
CA SER A 100 -9.56 -28.24 16.13
C SER A 100 -8.44 -29.01 15.45
N THR A 101 -8.25 -28.82 14.15
CA THR A 101 -7.19 -29.51 13.44
C THR A 101 -5.89 -28.73 13.47
N ILE A 102 -5.86 -27.64 14.21
CA ILE A 102 -4.67 -26.85 14.44
C ILE A 102 -3.85 -27.54 15.52
N ASP A 103 -2.53 -27.54 15.38
CA ASP A 103 -1.70 -28.29 16.32
C ASP A 103 -1.39 -27.57 17.63
N PHE A 104 -1.74 -26.30 17.78
CA PHE A 104 -1.39 -25.60 19.00
C PHE A 104 -2.19 -24.31 19.12
N VAL A 105 -2.86 -24.16 20.27
CA VAL A 105 -3.61 -22.98 20.65
C VAL A 105 -2.99 -22.39 21.91
N ASN A 106 -3.12 -21.07 22.08
CA ASN A 106 -2.72 -20.34 23.29
C ASN A 106 -3.47 -19.01 23.33
N ILE A 107 -3.74 -18.52 24.56
CA ILE A 107 -4.43 -17.25 24.81
C ILE A 107 -3.62 -16.39 25.77
N ASP A 108 -3.39 -15.15 25.41
CA ASP A 108 -2.80 -14.14 26.29
C ASP A 108 -3.76 -12.96 26.40
N THR A 109 -3.67 -12.22 27.52
CA THR A 109 -4.48 -11.01 27.73
C THR A 109 -3.54 -9.81 27.83
N VAL A 110 -3.75 -8.80 26.97
CA VAL A 110 -2.89 -7.61 26.88
C VAL A 110 -3.76 -6.38 26.64
N ASN A 111 -3.75 -5.42 27.57
CA ASN A 111 -4.43 -4.13 27.39
C ASN A 111 -5.92 -4.29 27.04
N ASN A 112 -6.61 -5.11 27.83
CA ASN A 112 -8.03 -5.41 27.65
C ASN A 112 -8.32 -6.04 26.29
N GLN A 113 -7.31 -6.67 25.68
CA GLN A 113 -7.45 -7.44 24.46
C GLN A 113 -7.01 -8.88 24.70
N LYS A 114 -7.68 -9.80 24.03
CA LYS A 114 -7.34 -11.22 24.04
C LYS A 114 -6.61 -11.55 22.75
N ILE A 115 -5.42 -12.17 22.86
CA ILE A 115 -4.63 -12.56 21.68
C ILE A 115 -4.58 -14.07 21.62
N VAL A 116 -5.17 -14.65 20.59
CA VAL A 116 -5.12 -16.09 20.42
C VAL A 116 -4.02 -16.37 19.40
N THR A 117 -3.06 -17.19 19.79
CA THR A 117 -2.01 -17.65 18.90
C THR A 117 -2.29 -19.08 18.51
N LEU A 118 -2.23 -19.35 17.23
CA LEU A 118 -2.42 -20.69 16.72
C LEU A 118 -1.19 -21.06 15.91
N TYR A 119 -0.86 -22.35 15.90
CA TYR A 119 0.27 -22.83 15.13
C TYR A 119 -0.10 -24.08 14.35
N ASP A 120 0.09 -24.04 13.04
CA ASP A 120 -0.08 -25.21 12.18
C ASP A 120 1.30 -25.78 11.81
N LYS A 121 1.58 -27.00 12.28
CA LYS A 121 2.88 -27.64 12.03
C LYS A 121 3.11 -27.94 10.56
N LYS A 122 2.06 -28.33 9.83
CA LYS A 122 2.25 -28.68 8.43
C LYS A 122 2.88 -27.51 7.66
N SER A 123 2.26 -26.33 7.72
CA SER A 123 2.73 -25.17 6.98
C SER A 123 3.77 -24.34 7.73
N GLU A 124 4.14 -24.73 8.95
CA GLU A 124 5.12 -23.98 9.72
C GLU A 124 4.74 -22.50 9.82
N SER A 125 3.45 -22.23 9.89
CA SER A 125 2.97 -20.85 10.04
C SER A 125 2.15 -20.67 11.31
N GLN A 126 2.34 -19.52 11.95
CA GLN A 126 1.60 -19.04 13.09
C GLN A 126 0.54 -18.01 12.67
N ALA A 127 -0.51 -17.90 13.48
CA ALA A 127 -1.51 -16.85 13.34
C ALA A 127 -1.84 -16.35 14.73
N GLU A 128 -1.85 -15.04 14.90
CA GLU A 128 -2.38 -14.38 16.08
C GLU A 128 -3.70 -13.73 15.69
N VAL A 129 -4.74 -13.97 16.48
CA VAL A 129 -6.02 -13.29 16.33
C VAL A 129 -6.27 -12.44 17.55
N ILE A 130 -6.53 -11.17 17.32
CA ILE A 130 -6.66 -10.19 18.38
C ILE A 130 -8.13 -9.85 18.47
N PHE A 131 -8.68 -10.00 19.66
CA PHE A 131 -10.08 -9.68 19.89
C PHE A 131 -10.21 -8.50 20.85
N ASN A 132 -11.12 -7.59 20.56
CA ASN A 132 -11.62 -6.74 21.62
C ASN A 132 -12.67 -7.52 22.42
N ILE A 133 -13.00 -7.02 23.60
CA ILE A 133 -14.01 -7.65 24.43
C ILE A 133 -15.04 -6.61 24.80
N ASN A 134 -16.15 -7.08 25.34
CA ASN A 134 -17.24 -6.23 25.80
C ASN A 134 -17.63 -5.21 24.73
N PRO A 135 -18.08 -5.65 23.54
CA PRO A 135 -18.36 -7.02 23.08
C PRO A 135 -17.19 -7.63 22.30
N ILE A 136 -17.21 -8.95 22.06
CA ILE A 136 -16.10 -9.58 21.36
C ILE A 136 -16.14 -9.21 19.89
N THR A 137 -15.02 -8.71 19.39
CA THR A 137 -14.89 -8.40 17.97
C THR A 137 -13.47 -8.69 17.52
N ILE A 138 -13.33 -9.19 16.31
CA ILE A 138 -12.00 -9.45 15.75
C ILE A 138 -11.40 -8.16 15.18
N VAL A 139 -10.29 -7.69 15.75
CA VAL A 139 -9.70 -6.43 15.32
C VAL A 139 -8.38 -6.61 14.58
N GLY A 140 -7.80 -7.81 14.58
CA GLY A 140 -6.55 -7.99 13.88
C GLY A 140 -6.23 -9.44 13.67
N LEU A 141 -5.37 -9.68 12.68
CA LEU A 141 -4.97 -11.02 12.27
C LEU A 141 -3.53 -10.86 11.79
N ASN A 142 -2.62 -11.55 12.48
CA ASN A 142 -1.20 -11.59 12.12
C ASN A 142 -0.85 -13.01 11.77
N ILE A 143 -0.33 -13.20 10.56
CA ILE A 143 0.08 -14.50 10.05
C ILE A 143 1.57 -14.46 9.79
N SER A 144 2.30 -15.44 10.32
CA SER A 144 3.75 -15.48 10.32
C SER A 144 4.25 -16.84 9.92
N ASN A 145 5.30 -16.86 9.11
CA ASN A 145 6.02 -18.06 8.77
C ASN A 145 7.51 -17.71 8.82
N PRO A 146 8.41 -18.67 8.60
CA PRO A 146 9.85 -18.38 8.69
C PRO A 146 10.34 -17.25 7.77
N ASP A 147 9.64 -16.95 6.68
CA ASP A 147 10.08 -15.94 5.74
C ASP A 147 9.48 -14.57 6.02
N SER A 148 8.24 -14.48 6.50
CA SER A 148 7.58 -13.18 6.54
C SER A 148 6.40 -13.18 7.50
N THR A 149 5.99 -11.97 7.85
CA THR A 149 4.79 -11.76 8.66
C THR A 149 3.89 -10.80 7.90
N THR A 150 2.60 -11.08 7.91
CA THR A 150 1.62 -10.17 7.34
C THR A 150 0.65 -9.83 8.45
N SER A 151 0.42 -8.54 8.64
CA SER A 151 -0.41 -8.03 9.71
C SER A 151 -1.61 -7.30 9.14
N ILE A 152 -2.77 -7.66 9.64
CA ILE A 152 -4.03 -7.12 9.14
C ILE A 152 -4.74 -6.55 10.34
N GLN A 153 -5.27 -5.35 10.19
CA GLN A 153 -6.10 -4.72 11.20
C GLN A 153 -7.45 -4.40 10.58
N PHE A 154 -8.50 -4.61 11.35
CA PHE A 154 -9.87 -4.37 10.89
C PHE A 154 -10.42 -3.13 11.59
N TYR A 155 -11.21 -2.35 10.87
CA TYR A 155 -11.76 -1.12 11.44
C TYR A 155 -13.11 -0.87 10.79
N ASN A 156 -13.88 0.04 11.40
CA ASN A 156 -15.24 0.27 10.93
C ASN A 156 -16.02 -1.05 10.83
N ILE A 157 -15.99 -1.80 11.92
CA ILE A 157 -16.45 -3.18 11.93
C ILE A 157 -17.94 -3.20 12.21
N SER A 158 -18.71 -3.94 11.41
CA SER A 158 -20.05 -4.30 11.86
C SER A 158 -20.08 -5.83 12.00
N SER A 159 -20.39 -6.29 13.21
CA SER A 159 -20.28 -7.71 13.57
C SER A 159 -21.67 -8.31 13.73
N ASN A 160 -21.79 -9.57 13.30
CA ASN A 160 -23.01 -10.35 13.50
C ASN A 160 -24.23 -9.71 12.85
N ILE A 161 -24.02 -9.12 11.67
CA ILE A 161 -25.10 -8.59 10.84
C ILE A 161 -25.51 -9.67 9.84
N PRO A 162 -26.75 -9.65 9.34
CA PRO A 162 -27.09 -10.53 8.22
C PRO A 162 -26.25 -10.16 7.00
N ILE A 163 -25.82 -11.19 6.29
CA ILE A 163 -25.07 -11.03 5.04
C ILE A 163 -25.63 -12.05 4.07
N ASP A 164 -26.11 -11.59 2.93
CA ASP A 164 -26.65 -12.50 1.94
C ASP A 164 -25.54 -13.37 1.36
N LYS A 165 -25.82 -14.66 1.21
CA LYS A 165 -24.80 -15.56 0.67
C LYS A 165 -24.43 -15.19 -0.75
N ALA A 166 -25.34 -14.51 -1.48
CA ALA A 166 -25.06 -14.02 -2.83
C ALA A 166 -23.97 -12.94 -2.84
N GLU A 167 -23.73 -12.29 -1.70
CA GLU A 167 -22.71 -11.26 -1.70
C GLU A 167 -21.31 -11.81 -1.92
N PHE A 168 -21.12 -13.12 -1.81
CA PHE A 168 -19.80 -13.72 -1.90
C PHE A 168 -19.48 -14.08 -3.36
N LYS A 169 -19.26 -13.01 -4.14
CA LYS A 169 -18.90 -13.07 -5.55
C LYS A 169 -18.00 -11.89 -5.86
N HIS A 170 -17.18 -12.04 -6.89
CA HIS A 170 -16.35 -10.95 -7.35
C HIS A 170 -17.23 -9.85 -7.93
N ASP A 171 -16.88 -8.60 -7.61
CA ASP A 171 -17.55 -7.41 -8.16
C ASP A 171 -16.85 -7.07 -9.47
N ILE A 172 -17.47 -7.46 -10.58
CA ILE A 172 -16.90 -7.25 -11.91
C ILE A 172 -17.86 -6.34 -12.66
N SER A 173 -17.41 -5.12 -12.94
CA SER A 173 -18.23 -4.04 -13.48
C SER A 173 -17.60 -3.47 -14.73
N HIS A 174 -18.39 -3.29 -15.79
CA HIS A 174 -17.94 -2.72 -17.05
C HIS A 174 -18.93 -1.68 -17.55
N TYR A 175 -18.44 -0.79 -18.40
CA TYR A 175 -19.28 0.24 -18.99
C TYR A 175 -20.53 -0.36 -19.65
N TYR A 176 -20.34 -1.42 -20.44
CA TYR A 176 -21.43 -2.04 -21.18
C TYR A 176 -22.26 -2.99 -20.33
N SER A 177 -21.91 -3.17 -19.05
CA SER A 177 -22.66 -4.10 -18.20
C SER A 177 -24.12 -3.68 -18.10
N GLU A 178 -24.38 -2.40 -17.81
CA GLU A 178 -25.75 -1.90 -17.72
C GLU A 178 -25.81 -0.45 -18.19
N ALA B 3 54.08 -2.33 -22.18
CA ALA B 3 53.21 -2.98 -23.15
C ALA B 3 52.78 -4.35 -22.64
N ASP B 4 53.75 -5.24 -22.40
CA ASP B 4 53.43 -6.54 -21.81
C ASP B 4 52.80 -6.37 -20.43
N ILE B 5 53.08 -5.25 -19.75
CA ILE B 5 52.37 -4.95 -18.51
C ILE B 5 50.92 -4.56 -18.82
N ARG B 6 50.70 -3.81 -19.91
CA ARG B 6 49.33 -3.48 -20.31
C ARG B 6 48.55 -4.74 -20.65
N VAL B 7 49.14 -5.62 -21.47
CA VAL B 7 48.45 -6.83 -21.89
C VAL B 7 48.22 -7.74 -20.69
N ASP B 8 49.22 -7.86 -19.82
CA ASP B 8 49.07 -8.75 -18.67
C ASP B 8 47.94 -8.27 -17.77
N THR B 9 47.82 -6.95 -17.60
CA THR B 9 46.74 -6.40 -16.77
C THR B 9 45.38 -6.76 -17.33
N ILE B 10 45.20 -6.59 -18.64
CA ILE B 10 43.89 -6.83 -19.25
C ILE B 10 43.51 -8.29 -19.12
N LYS B 11 44.42 -9.18 -19.50
CA LYS B 11 44.13 -10.61 -19.49
C LYS B 11 43.82 -11.08 -18.09
N ASN B 12 44.59 -10.61 -17.11
CA ASN B 12 44.40 -11.00 -15.72
C ASN B 12 43.13 -10.41 -15.13
N ALA B 13 42.82 -9.17 -15.48
CA ALA B 13 41.60 -8.58 -14.93
C ALA B 13 40.37 -9.36 -15.38
N LEU B 14 40.33 -9.74 -16.66
CA LEU B 14 39.20 -10.51 -17.17
C LEU B 14 39.07 -11.87 -16.48
N THR B 15 40.16 -12.45 -16.01
CA THR B 15 40.06 -13.71 -15.27
C THR B 15 39.19 -13.53 -14.05
N TYR B 16 39.34 -12.40 -13.36
CA TYR B 16 38.57 -12.21 -12.13
C TYR B 16 37.08 -12.12 -12.43
N PHE B 17 36.71 -11.37 -13.47
CA PHE B 17 35.31 -11.28 -13.89
C PHE B 17 34.78 -12.63 -14.36
N ASP B 18 35.60 -13.39 -15.06
CA ASP B 18 35.22 -14.68 -15.61
C ASP B 18 34.93 -15.71 -14.53
N ALA B 19 35.45 -15.52 -13.32
CA ALA B 19 35.19 -16.47 -12.25
C ALA B 19 33.74 -16.40 -11.77
N VAL B 20 33.02 -15.32 -12.08
CA VAL B 20 31.69 -15.06 -11.54
C VAL B 20 30.66 -15.37 -12.63
N ARG B 21 30.06 -16.55 -12.60
CA ARG B 21 29.09 -16.95 -13.64
C ARG B 21 27.66 -16.61 -13.25
N SER B 22 27.30 -16.88 -12.00
CA SER B 22 26.04 -16.49 -11.42
C SER B 22 26.35 -15.94 -10.05
N PHE B 23 25.40 -15.19 -9.50
CA PHE B 23 25.61 -14.56 -8.20
C PHE B 23 24.29 -14.31 -7.48
N LYS B 24 24.22 -14.65 -6.20
CA LYS B 24 23.11 -14.19 -5.36
C LYS B 24 23.69 -13.58 -4.10
N ALA B 25 23.22 -12.38 -3.72
CA ALA B 25 23.78 -11.68 -2.56
C ALA B 25 22.81 -10.60 -2.06
N GLU B 26 23.08 -10.10 -0.85
CA GLU B 26 22.51 -8.83 -0.39
C GLU B 26 23.55 -7.74 -0.53
N PHE B 27 23.09 -6.48 -0.56
CA PHE B 27 24.00 -5.39 -0.79
C PHE B 27 23.67 -4.21 0.10
N ILE B 28 24.72 -3.47 0.41
CA ILE B 28 24.63 -2.09 0.87
C ILE B 28 25.11 -1.23 -0.31
N GLN B 29 24.40 -0.14 -0.59
CA GLN B 29 24.73 0.77 -1.67
C GLN B 29 24.63 2.20 -1.14
N ILE B 30 25.68 2.99 -1.35
CA ILE B 30 25.71 4.38 -0.90
C ILE B 30 26.06 5.25 -2.10
N SER B 31 25.19 6.21 -2.41
CA SER B 31 25.43 7.14 -3.50
C SER B 31 25.78 8.53 -2.97
N SER B 32 26.65 9.23 -3.71
CA SER B 32 27.02 10.59 -3.32
C SER B 32 25.88 11.60 -3.51
N THR B 33 24.76 11.22 -4.13
CA THR B 33 23.66 12.16 -4.26
C THR B 33 23.08 12.52 -2.89
N ASP B 34 22.86 11.50 -2.05
CA ASP B 34 22.32 11.75 -0.71
C ASP B 34 23.14 11.14 0.43
N ASN B 35 24.17 10.33 0.14
CA ASN B 35 25.04 9.73 1.17
C ASN B 35 24.23 8.94 2.18
N ILE B 36 23.18 8.28 1.72
CA ILE B 36 22.33 7.48 2.58
C ILE B 36 22.52 6.01 2.22
N PRO B 37 22.90 5.16 3.17
CA PRO B 37 23.01 3.72 2.87
C PRO B 37 21.66 3.13 2.51
N ARG B 38 21.62 2.44 1.39
CA ARG B 38 20.45 1.68 0.95
C ARG B 38 20.84 0.20 0.87
N TYR B 39 19.86 -0.67 1.13
CA TYR B 39 20.09 -2.13 1.26
C TYR B 39 19.18 -2.86 0.29
N GLY B 40 19.62 -4.02 -0.20
CA GLY B 40 18.72 -4.86 -0.96
C GLY B 40 19.32 -6.22 -1.29
N GLN B 41 18.72 -6.87 -2.27
CA GLN B 41 19.14 -8.19 -2.75
C GLN B 41 19.46 -8.12 -4.23
N VAL B 42 20.44 -8.93 -4.66
CA VAL B 42 20.89 -8.98 -6.05
C VAL B 42 20.91 -10.44 -6.52
N LEU B 43 20.39 -10.67 -7.71
CA LEU B 43 20.55 -11.91 -8.45
C LEU B 43 21.17 -11.61 -9.82
N MET B 44 22.13 -12.45 -10.24
CA MET B 44 22.79 -12.27 -11.52
C MET B 44 23.06 -13.64 -12.12
N ARG B 45 22.78 -13.77 -13.42
CA ARG B 45 23.11 -15.01 -14.14
C ARG B 45 23.65 -14.62 -15.50
N LYS B 46 24.91 -14.98 -15.77
CA LYS B 46 25.40 -14.69 -17.11
C LYS B 46 24.83 -15.67 -18.13
N PRO B 47 24.52 -15.20 -19.34
CA PRO B 47 24.59 -13.81 -19.80
C PRO B 47 23.32 -12.98 -19.71
N GLY B 48 23.41 -11.80 -19.12
CA GLY B 48 22.45 -10.77 -19.36
C GLY B 48 21.28 -10.69 -18.41
N LEU B 49 21.30 -11.44 -17.30
CA LEU B 49 20.19 -11.39 -16.34
C LEU B 49 20.70 -10.83 -15.02
N LEU B 50 20.06 -9.76 -14.56
CA LEU B 50 20.41 -9.06 -13.34
C LEU B 50 19.13 -8.56 -12.68
N LYS B 51 18.98 -8.82 -11.38
CA LYS B 51 17.86 -8.27 -10.61
C LYS B 51 18.44 -7.53 -9.41
N TRP B 52 17.95 -6.31 -9.19
CA TRP B 52 18.47 -5.38 -8.19
C TRP B 52 17.26 -4.92 -7.41
N ASN B 53 17.06 -5.49 -6.23
CA ASN B 53 15.82 -5.35 -5.49
C ASN B 53 16.10 -4.65 -4.16
N TYR B 54 15.65 -3.39 -4.03
CA TYR B 54 15.86 -2.64 -2.80
C TYR B 54 14.94 -3.08 -1.67
N TYR B 55 15.45 -3.03 -0.45
CA TYR B 55 14.61 -3.28 0.71
C TYR B 55 13.86 -2.01 1.13
N PRO B 56 12.76 -2.16 1.85
CA PRO B 56 12.09 -0.99 2.45
C PRO B 56 13.06 -0.14 3.23
N PRO B 57 12.92 1.19 3.20
CA PRO B 57 11.81 1.98 2.66
C PRO B 57 11.91 2.32 1.18
N THR B 58 12.87 1.78 0.43
CA THR B 58 12.96 2.09 -1.00
C THR B 58 12.09 1.09 -1.75
N PRO B 59 10.96 1.51 -2.38
CA PRO B 59 9.97 0.58 -2.91
C PRO B 59 10.21 0.21 -4.37
N VAL B 60 11.43 -0.22 -4.68
CA VAL B 60 11.92 -0.24 -6.06
C VAL B 60 12.53 -1.59 -6.36
N SER B 61 12.16 -2.16 -7.50
CA SER B 61 12.67 -3.41 -8.04
C SER B 61 13.09 -3.18 -9.49
N ILE B 62 14.27 -3.64 -9.85
CA ILE B 62 14.86 -3.40 -11.16
C ILE B 62 15.23 -4.75 -11.78
N ILE B 63 14.77 -4.99 -13.01
CA ILE B 63 15.16 -6.16 -13.78
C ILE B 63 15.89 -5.69 -15.02
N ILE B 64 17.09 -6.22 -15.22
CA ILE B 64 17.86 -6.00 -16.43
C ILE B 64 17.95 -7.31 -17.19
N LYS B 65 17.46 -7.32 -18.44
CA LYS B 65 17.59 -8.46 -19.34
C LYS B 65 18.22 -7.93 -20.63
N GLY B 66 19.51 -8.18 -20.83
CA GLY B 66 20.20 -7.62 -21.96
C GLY B 66 20.31 -6.11 -21.84
N LYS B 67 19.80 -5.40 -22.84
CA LYS B 67 19.85 -3.95 -22.84
C LYS B 67 18.56 -3.30 -22.35
N THR B 68 17.54 -4.11 -22.02
CA THR B 68 16.27 -3.62 -21.50
C THR B 68 16.27 -3.55 -19.99
N ILE B 69 15.68 -2.49 -19.46
CA ILE B 69 15.54 -2.28 -18.02
C ILE B 69 14.06 -2.12 -17.70
N SER B 70 13.59 -2.91 -16.74
CA SER B 70 12.23 -2.81 -16.21
C SER B 70 12.33 -2.34 -14.77
N TYR B 71 11.63 -1.24 -14.44
CA TYR B 71 11.73 -0.56 -13.16
C TYR B 71 10.36 -0.61 -12.50
N TYR B 72 10.27 -1.22 -11.33
CA TYR B 72 8.99 -1.43 -10.67
C TYR B 72 8.91 -0.73 -9.32
N ASP B 73 7.89 0.09 -9.17
CA ASP B 73 7.57 0.77 -7.93
C ASP B 73 6.48 -0.05 -7.24
N ARG B 74 6.85 -0.69 -6.13
CA ARG B 74 5.92 -1.52 -5.37
C ARG B 74 4.77 -0.70 -4.79
N GLU B 75 5.04 0.56 -4.45
CA GLU B 75 4.07 1.37 -3.73
C GLU B 75 2.94 1.77 -4.66
N LEU B 76 3.30 2.24 -5.85
CA LEU B 76 2.34 2.62 -6.86
C LEU B 76 1.95 1.45 -7.73
N GLU B 77 2.74 0.38 -7.74
CA GLU B 77 2.54 -0.72 -8.66
C GLU B 77 2.51 -0.23 -10.10
N GLU B 78 3.52 0.56 -10.44
CA GLU B 78 3.72 1.12 -11.77
C GLU B 78 5.04 0.61 -12.31
N TYR B 79 5.10 0.42 -13.61
CA TYR B 79 6.30 0.04 -14.32
C TYR B 79 6.81 1.22 -15.15
N SER B 80 8.13 1.30 -15.24
CA SER B 80 8.81 2.20 -16.14
C SER B 80 9.81 1.35 -16.91
N TYR B 81 10.03 1.70 -18.18
CA TYR B 81 10.86 0.94 -19.09
C TYR B 81 11.85 1.84 -19.80
N THR B 82 13.10 1.39 -19.87
CA THR B 82 14.12 2.08 -20.65
C THR B 82 15.15 1.04 -21.06
N THR B 83 16.18 1.48 -21.77
CA THR B 83 17.23 0.60 -22.26
C THR B 83 18.59 1.13 -21.85
N ILE B 84 19.50 0.22 -21.51
CA ILE B 84 20.85 0.57 -21.11
C ILE B 84 21.87 -0.11 -22.01
N ASN B 85 22.82 0.66 -22.51
CA ASN B 85 24.06 0.15 -23.10
C ASN B 85 25.18 0.54 -22.13
N SER B 86 25.41 -0.29 -21.12
CA SER B 86 26.44 0.02 -20.12
C SER B 86 27.55 -1.02 -20.18
N PRO B 87 28.73 -0.68 -20.71
CA PRO B 87 29.80 -1.67 -20.76
C PRO B 87 30.24 -2.20 -19.41
N ILE B 88 30.04 -1.44 -18.33
CA ILE B 88 30.40 -1.93 -16.99
C ILE B 88 29.40 -2.98 -16.52
N ILE B 89 28.12 -2.72 -16.78
CA ILE B 89 27.08 -3.69 -16.42
C ILE B 89 27.29 -4.95 -17.23
N ASN B 90 27.66 -4.80 -18.51
CA ASN B 90 27.91 -5.96 -19.37
C ASN B 90 29.03 -6.81 -18.81
N LEU B 91 30.10 -6.17 -18.37
CA LEU B 91 31.23 -6.90 -17.82
C LEU B 91 30.82 -7.74 -16.62
N LEU B 92 29.99 -7.17 -15.72
CA LEU B 92 29.57 -7.83 -14.49
C LEU B 92 28.50 -8.90 -14.69
N SER B 93 27.59 -8.69 -15.64
CA SER B 93 26.45 -9.56 -15.80
C SER B 93 26.30 -10.17 -17.18
N SER B 94 27.24 -9.98 -18.09
CA SER B 94 26.98 -10.39 -19.45
C SER B 94 28.23 -11.05 -20.03
N ASP B 95 28.20 -11.28 -21.34
CA ASP B 95 29.34 -11.86 -22.03
C ASP B 95 30.33 -10.75 -22.37
N MET B 96 31.32 -11.09 -23.19
CA MET B 96 32.37 -10.17 -23.61
C MET B 96 32.03 -9.45 -24.90
N LYS B 97 30.78 -9.59 -25.39
CA LYS B 97 30.36 -9.01 -26.67
C LYS B 97 30.49 -7.48 -26.73
N ASN B 98 30.28 -6.78 -25.62
CA ASN B 98 30.13 -5.31 -25.64
C ASN B 98 30.94 -4.70 -24.50
N ILE B 99 32.23 -5.01 -24.47
CA ILE B 99 33.08 -4.46 -23.43
C ILE B 99 34.32 -3.86 -24.03
N SER B 100 34.38 -3.77 -25.36
CA SER B 100 35.61 -3.35 -26.02
C SER B 100 36.03 -1.94 -25.64
N THR B 101 35.10 -1.10 -25.19
CA THR B 101 35.44 0.26 -24.84
C THR B 101 35.97 0.38 -23.42
N ILE B 102 36.11 -0.75 -22.69
CA ILE B 102 36.60 -0.74 -21.31
C ILE B 102 38.13 -0.78 -21.33
N ASP B 103 38.73 0.14 -20.59
CA ASP B 103 40.18 0.21 -20.40
C ASP B 103 40.49 -0.42 -19.05
N PHE B 104 41.15 -1.59 -19.03
CA PHE B 104 41.55 -2.17 -17.76
C PHE B 104 42.85 -1.51 -17.36
N VAL B 105 42.83 -0.79 -16.25
CA VAL B 105 43.87 0.19 -15.96
C VAL B 105 44.88 -0.35 -14.95
N ASN B 106 44.43 -1.03 -13.92
CA ASN B 106 45.37 -1.45 -12.91
C ASN B 106 44.78 -2.59 -12.10
N ILE B 107 45.67 -3.40 -11.55
CA ILE B 107 45.30 -4.41 -10.60
C ILE B 107 46.22 -4.24 -9.41
N ASP B 108 45.63 -4.05 -8.23
CA ASP B 108 46.38 -3.90 -7.00
C ASP B 108 45.98 -5.01 -6.04
N THR B 109 46.88 -5.31 -5.13
CA THR B 109 46.68 -6.33 -4.09
C THR B 109 46.73 -5.67 -2.73
N VAL B 110 45.63 -5.76 -1.98
CA VAL B 110 45.50 -5.13 -0.68
C VAL B 110 44.72 -6.07 0.24
N ASN B 111 45.35 -6.48 1.34
CA ASN B 111 44.72 -7.37 2.32
C ASN B 111 44.30 -8.67 1.64
N ASN B 112 45.12 -9.13 0.70
CA ASN B 112 44.82 -10.33 -0.09
C ASN B 112 43.47 -10.20 -0.77
N GLN B 113 43.16 -8.96 -1.16
CA GLN B 113 42.07 -8.67 -2.06
C GLN B 113 42.68 -8.07 -3.32
N LYS B 114 42.10 -8.42 -4.45
CA LYS B 114 42.51 -7.84 -5.72
C LYS B 114 41.52 -6.72 -6.07
N ILE B 115 42.05 -5.53 -6.38
CA ILE B 115 41.25 -4.37 -6.75
C ILE B 115 41.52 -4.06 -8.22
N VAL B 116 40.49 -4.18 -9.05
CA VAL B 116 40.61 -3.92 -10.47
C VAL B 116 40.04 -2.52 -10.73
N THR B 117 40.84 -1.67 -11.33
CA THR B 117 40.41 -0.35 -11.73
C THR B 117 40.12 -0.38 -13.23
N LEU B 118 38.95 0.11 -13.60
CA LEU B 118 38.47 0.15 -14.96
C LEU B 118 38.10 1.59 -15.32
N TYR B 119 38.19 1.90 -16.60
CA TYR B 119 37.66 3.15 -17.12
C TYR B 119 36.91 2.81 -18.38
N ASP B 120 35.65 3.20 -18.45
CA ASP B 120 34.87 2.99 -19.65
C ASP B 120 34.85 4.27 -20.45
N LYS B 121 35.46 4.19 -21.63
CA LYS B 121 35.55 5.32 -22.53
C LYS B 121 34.17 5.73 -23.03
N LYS B 122 33.26 4.77 -23.20
CA LYS B 122 31.93 5.10 -23.70
C LYS B 122 31.24 6.09 -22.77
N SER B 123 31.04 5.69 -21.51
CA SER B 123 30.30 6.51 -20.55
C SER B 123 31.18 7.45 -19.73
N GLU B 124 32.49 7.41 -19.89
CA GLU B 124 33.40 8.20 -19.05
C GLU B 124 33.21 7.88 -17.58
N SER B 125 32.98 6.60 -17.30
CA SER B 125 32.80 6.10 -15.95
C SER B 125 34.00 5.28 -15.52
N GLN B 126 34.40 5.44 -14.27
CA GLN B 126 35.40 4.59 -13.64
C GLN B 126 34.71 3.56 -12.75
N ALA B 127 35.38 2.42 -12.56
CA ALA B 127 34.94 1.43 -11.59
C ALA B 127 36.14 0.81 -10.89
N GLU B 128 36.03 0.69 -9.57
CA GLU B 128 36.90 -0.17 -8.78
C GLU B 128 36.09 -1.40 -8.44
N VAL B 129 36.58 -2.59 -8.80
CA VAL B 129 35.89 -3.83 -8.43
C VAL B 129 36.81 -4.67 -7.55
N ILE B 130 36.30 -5.08 -6.40
CA ILE B 130 37.09 -5.71 -5.36
C ILE B 130 36.73 -7.19 -5.31
N PHE B 131 37.76 -8.02 -5.44
CA PHE B 131 37.61 -9.46 -5.41
C PHE B 131 38.41 -10.05 -4.25
N ASN B 132 37.81 -11.03 -3.59
CA ASN B 132 38.58 -11.96 -2.79
C ASN B 132 39.20 -13.00 -3.72
N ILE B 133 40.17 -13.73 -3.17
CA ILE B 133 40.84 -14.80 -3.90
C ILE B 133 40.80 -16.05 -3.03
N ASN B 134 41.13 -17.18 -3.64
CA ASN B 134 41.20 -18.46 -2.94
C ASN B 134 39.93 -18.70 -2.12
N PRO B 135 38.74 -18.72 -2.77
CA PRO B 135 38.48 -18.63 -4.21
C PRO B 135 38.13 -17.22 -4.71
N ILE B 136 38.15 -16.97 -6.02
CA ILE B 136 37.82 -15.65 -6.52
C ILE B 136 36.33 -15.40 -6.37
N THR B 137 35.99 -14.30 -5.70
CA THR B 137 34.61 -13.84 -5.57
C THR B 137 34.62 -12.31 -5.56
N ILE B 138 33.60 -11.72 -6.20
CA ILE B 138 33.36 -10.27 -6.12
CA ILE B 138 33.42 -10.27 -6.12
C ILE B 138 32.82 -9.93 -4.75
N VAL B 139 33.37 -8.91 -4.11
CA VAL B 139 32.83 -8.47 -2.83
C VAL B 139 32.38 -7.02 -2.81
N GLY B 140 32.73 -6.23 -3.80
CA GLY B 140 32.35 -4.84 -3.76
C GLY B 140 32.63 -4.16 -5.08
N LEU B 141 32.01 -3.01 -5.26
CA LEU B 141 32.09 -2.30 -6.52
C LEU B 141 31.93 -0.81 -6.25
N ASN B 142 32.88 0.01 -6.68
CA ASN B 142 32.73 1.46 -6.64
C ASN B 142 32.65 1.98 -8.07
N ILE B 143 31.60 2.72 -8.38
CA ILE B 143 31.40 3.29 -9.71
C ILE B 143 31.35 4.82 -9.56
N SER B 144 32.09 5.51 -10.43
CA SER B 144 32.24 6.96 -10.41
C SER B 144 32.05 7.55 -11.80
N ASN B 145 31.29 8.61 -11.89
CA ASN B 145 31.19 9.39 -13.12
C ASN B 145 31.25 10.86 -12.74
N PRO B 146 31.27 11.78 -13.70
CA PRO B 146 31.38 13.19 -13.31
C PRO B 146 30.31 13.66 -12.33
N ASP B 147 29.13 13.04 -12.34
CA ASP B 147 28.01 13.51 -11.54
C ASP B 147 27.97 12.86 -10.16
N SER B 148 28.37 11.60 -10.03
CA SER B 148 28.15 10.93 -8.76
C SER B 148 29.07 9.72 -8.66
N THR B 149 29.22 9.27 -7.44
CA THR B 149 29.89 8.02 -7.11
C THR B 149 28.94 7.11 -6.34
N THR B 150 29.01 5.82 -6.62
CA THR B 150 28.23 4.85 -5.88
C THR B 150 29.19 3.77 -5.40
N SER B 151 29.00 3.36 -4.15
CA SER B 151 29.80 2.34 -3.49
C SER B 151 28.89 1.20 -3.10
N ILE B 152 29.26 0.00 -3.50
CA ILE B 152 28.47 -1.18 -3.24
C ILE B 152 29.36 -2.23 -2.58
N GLN B 153 28.84 -2.86 -1.54
CA GLN B 153 29.48 -4.01 -0.92
C GLN B 153 28.46 -5.13 -0.82
N PHE B 154 28.91 -6.36 -1.07
CA PHE B 154 28.07 -7.54 -1.08
C PHE B 154 28.29 -8.40 0.17
N TYR B 155 27.20 -9.02 0.60
CA TYR B 155 27.18 -9.88 1.77
C TYR B 155 26.27 -11.06 1.49
N ASN B 156 26.43 -12.10 2.32
CA ASN B 156 25.63 -13.34 2.21
C ASN B 156 25.60 -13.86 0.77
N ILE B 157 26.80 -14.04 0.24
CA ILE B 157 27.05 -14.31 -1.16
C ILE B 157 26.99 -15.80 -1.43
N SER B 158 26.28 -16.19 -2.47
CA SER B 158 26.46 -17.53 -3.04
C SER B 158 26.85 -17.35 -4.51
N SER B 159 27.95 -17.99 -4.89
CA SER B 159 28.54 -17.79 -6.19
C SER B 159 28.40 -19.04 -7.02
N ASN B 160 28.09 -18.86 -8.30
CA ASN B 160 28.11 -19.96 -9.25
C ASN B 160 27.13 -21.05 -8.84
N ILE B 161 26.01 -20.65 -8.24
CA ILE B 161 24.93 -21.58 -7.93
C ILE B 161 23.97 -21.58 -9.11
N PRO B 162 23.22 -22.66 -9.33
CA PRO B 162 22.14 -22.61 -10.33
C PRO B 162 21.08 -21.58 -9.95
N ILE B 163 20.63 -20.82 -10.95
CA ILE B 163 19.56 -19.84 -10.73
C ILE B 163 18.58 -19.96 -11.89
N ASP B 164 17.34 -20.36 -11.60
CA ASP B 164 16.36 -20.51 -12.66
C ASP B 164 16.02 -19.16 -13.26
N LYS B 165 15.94 -19.10 -14.59
CA LYS B 165 15.64 -17.85 -15.28
C LYS B 165 14.30 -17.30 -14.88
N ALA B 166 13.42 -18.13 -14.34
CA ALA B 166 12.13 -17.63 -13.89
C ALA B 166 12.27 -16.63 -12.76
N GLU B 167 13.37 -16.70 -12.01
CA GLU B 167 13.58 -15.81 -10.88
C GLU B 167 13.74 -14.37 -11.30
N PHE B 168 13.95 -14.11 -12.58
CA PHE B 168 14.16 -12.74 -13.04
C PHE B 168 12.81 -12.14 -13.40
N LYS B 169 12.05 -11.94 -12.33
CA LYS B 169 10.72 -11.35 -12.29
C LYS B 169 10.65 -10.51 -11.02
N HIS B 170 9.84 -9.45 -11.05
CA HIS B 170 9.67 -8.60 -9.88
C HIS B 170 8.92 -9.33 -8.77
N ASP B 171 9.30 -9.07 -7.52
CA ASP B 171 8.64 -9.70 -6.36
C ASP B 171 7.36 -9.02 -5.88
N ILE C 5 3.21 2.25 14.19
CA ILE C 5 2.55 3.48 14.60
C ILE C 5 2.01 4.22 13.38
N ARG C 6 2.74 4.17 12.26
CA ARG C 6 2.27 4.83 11.04
C ARG C 6 0.92 4.27 10.63
N VAL C 7 0.78 2.95 10.65
CA VAL C 7 -0.47 2.32 10.26
C VAL C 7 -1.58 2.68 11.25
N ASP C 8 -1.27 2.73 12.55
CA ASP C 8 -2.31 3.06 13.54
C ASP C 8 -2.84 4.48 13.34
N THR C 9 -1.98 5.43 12.96
CA THR C 9 -2.48 6.76 12.61
C THR C 9 -3.47 6.65 11.45
N ILE C 10 -3.09 5.88 10.43
CA ILE C 10 -3.96 5.71 9.27
C ILE C 10 -5.27 5.04 9.68
N LYS C 11 -5.17 3.94 10.44
CA LYS C 11 -6.35 3.20 10.84
C LYS C 11 -7.30 4.06 11.65
N ASN C 12 -6.76 4.87 12.56
CA ASN C 12 -7.59 5.72 13.40
C ASN C 12 -8.22 6.85 12.60
N ALA C 13 -7.47 7.45 11.67
CA ALA C 13 -8.04 8.52 10.85
C ALA C 13 -9.17 8.00 9.98
N LEU C 14 -8.96 6.84 9.34
CA LEU C 14 -10.01 6.23 8.54
C LEU C 14 -11.19 5.80 9.39
N THR C 15 -10.96 5.40 10.64
CA THR C 15 -12.09 5.06 11.49
C THR C 15 -13.02 6.25 11.65
N TYR C 16 -12.45 7.44 11.92
CA TYR C 16 -13.29 8.62 12.14
C TYR C 16 -14.06 9.00 10.88
N PHE C 17 -13.40 9.00 9.72
CA PHE C 17 -14.12 9.30 8.49
C PHE C 17 -15.21 8.26 8.21
N ASP C 18 -14.87 6.99 8.33
CA ASP C 18 -15.84 5.95 8.00
C ASP C 18 -17.02 5.93 8.98
N ALA C 19 -16.88 6.50 10.16
CA ALA C 19 -17.98 6.52 11.11
C ALA C 19 -19.12 7.42 10.66
N VAL C 20 -18.86 8.35 9.74
CA VAL C 20 -19.84 9.36 9.35
C VAL C 20 -20.43 8.89 8.03
N ARG C 21 -21.65 8.33 8.07
CA ARG C 21 -22.30 7.84 6.87
C ARG C 21 -23.15 8.89 6.19
N SER C 22 -23.72 9.81 6.96
CA SER C 22 -24.54 10.88 6.43
C SER C 22 -24.54 12.00 7.47
N PHE C 23 -24.84 13.21 7.01
CA PHE C 23 -25.09 14.27 7.97
C PHE C 23 -25.89 15.36 7.30
N LYS C 24 -26.65 16.06 8.15
CA LYS C 24 -27.36 17.29 7.85
C LYS C 24 -26.90 18.30 8.88
N ALA C 25 -26.50 19.48 8.42
CA ALA C 25 -25.97 20.52 9.29
C ALA C 25 -26.12 21.86 8.59
N GLU C 26 -25.86 22.90 9.36
CA GLU C 26 -25.57 24.22 8.87
C GLU C 26 -24.07 24.47 8.96
N PHE C 27 -23.59 25.43 8.19
CA PHE C 27 -22.16 25.71 8.18
C PHE C 27 -21.85 27.19 8.14
N ILE C 28 -20.69 27.51 8.68
CA ILE C 28 -20.01 28.75 8.41
C ILE C 28 -18.76 28.43 7.62
N GLN C 29 -18.49 29.23 6.60
CA GLN C 29 -17.35 29.08 5.73
C GLN C 29 -16.69 30.43 5.56
N ILE C 30 -15.38 30.49 5.75
CA ILE C 30 -14.59 31.69 5.51
C ILE C 30 -13.43 31.27 4.62
N SER C 31 -13.32 31.90 3.45
CA SER C 31 -12.27 31.61 2.48
C SER C 31 -11.30 32.78 2.38
N SER C 32 -10.02 32.47 2.18
CA SER C 32 -9.03 33.52 2.05
C SER C 32 -9.22 34.31 0.76
N THR C 33 -10.07 33.84 -0.15
CA THR C 33 -10.29 34.57 -1.40
C THR C 33 -10.97 35.91 -1.15
N ASP C 34 -11.97 35.97 -0.26
CA ASP C 34 -12.67 37.22 0.08
C ASP C 34 -12.77 37.52 1.58
N ASN C 35 -12.45 36.56 2.46
CA ASN C 35 -12.48 36.73 3.92
C ASN C 35 -13.85 37.15 4.45
N ILE C 36 -14.91 36.73 3.77
CA ILE C 36 -16.28 37.05 4.19
C ILE C 36 -16.92 35.78 4.76
N PRO C 37 -17.37 35.78 6.01
CA PRO C 37 -18.09 34.61 6.54
C PRO C 37 -19.37 34.38 5.74
N ARG C 38 -19.54 33.16 5.28
CA ARG C 38 -20.76 32.79 4.57
C ARG C 38 -21.42 31.64 5.28
N TYR C 39 -22.75 31.64 5.28
CA TYR C 39 -23.53 30.66 6.02
C TYR C 39 -24.36 29.81 5.07
N GLY C 40 -24.62 28.58 5.46
CA GLY C 40 -25.55 27.79 4.68
C GLY C 40 -25.92 26.49 5.34
N GLN C 41 -26.47 25.61 4.51
CA GLN C 41 -26.93 24.29 4.89
C GLN C 41 -26.20 23.24 4.07
N VAL C 42 -25.91 22.10 4.69
CA VAL C 42 -25.16 21.03 4.03
C VAL C 42 -25.90 19.72 4.28
N LEU C 43 -26.02 18.92 3.23
CA LEU C 43 -26.47 17.54 3.31
C LEU C 43 -25.41 16.64 2.70
N MET C 44 -25.18 15.49 3.34
CA MET C 44 -24.18 14.55 2.85
C MET C 44 -24.73 13.15 3.04
N ARG C 45 -24.60 12.33 2.00
CA ARG C 45 -24.98 10.93 2.08
C ARG C 45 -23.91 10.12 1.36
N LYS C 46 -23.28 9.23 2.08
CA LYS C 46 -22.34 8.34 1.42
C LYS C 46 -23.09 7.19 0.72
N PRO C 47 -22.62 6.77 -0.45
CA PRO C 47 -21.47 7.29 -1.22
C PRO C 47 -21.81 8.44 -2.22
N GLY C 48 -21.07 9.55 -2.22
CA GLY C 48 -20.99 10.37 -3.39
C GLY C 48 -22.04 11.46 -3.54
N LEU C 49 -22.80 11.78 -2.47
CA LEU C 49 -23.86 12.81 -2.55
C LEU C 49 -23.61 13.94 -1.57
N LEU C 50 -23.60 15.18 -2.07
CA LEU C 50 -23.32 16.34 -1.24
C LEU C 50 -24.12 17.52 -1.77
N LYS C 51 -24.81 18.20 -0.88
CA LYS C 51 -25.55 19.41 -1.21
C LYS C 51 -25.01 20.52 -0.33
N TRP C 52 -24.63 21.61 -0.97
CA TRP C 52 -23.99 22.76 -0.33
C TRP C 52 -24.81 23.97 -0.77
N ASN C 53 -25.71 24.45 0.13
CA ASN C 53 -26.68 25.50 -0.16
C ASN C 53 -26.39 26.75 0.66
N TYR C 54 -25.87 27.79 0.02
CA TYR C 54 -25.54 29.02 0.73
C TYR C 54 -26.82 29.80 0.98
N TYR C 55 -26.88 30.44 2.13
CA TYR C 55 -27.97 31.32 2.47
C TYR C 55 -27.75 32.70 1.86
N PRO C 56 -28.81 33.45 1.66
CA PRO C 56 -28.65 34.86 1.28
C PRO C 56 -27.74 35.53 2.28
N PRO C 57 -26.86 36.44 1.86
CA PRO C 57 -26.79 37.13 0.55
C PRO C 57 -26.02 36.38 -0.57
N THR C 58 -25.56 35.15 -0.36
CA THR C 58 -24.87 34.37 -1.40
C THR C 58 -25.90 33.57 -2.20
N PRO C 59 -26.08 33.82 -3.49
CA PRO C 59 -27.21 33.23 -4.22
C PRO C 59 -26.88 31.90 -4.90
N VAL C 60 -26.22 30.99 -4.18
CA VAL C 60 -25.53 29.86 -4.79
C VAL C 60 -25.93 28.55 -4.12
N SER C 61 -26.25 27.57 -4.95
CA SER C 61 -26.56 26.21 -4.53
C SER C 61 -25.63 25.27 -5.29
N ILE C 62 -25.06 24.28 -4.59
CA ILE C 62 -24.11 23.37 -5.20
C ILE C 62 -24.54 21.94 -4.91
N ILE C 63 -24.67 21.11 -5.95
CA ILE C 63 -24.93 19.69 -5.81
C ILE C 63 -23.73 18.92 -6.37
N ILE C 64 -23.18 18.04 -5.54
CA ILE C 64 -22.10 17.16 -5.96
C ILE C 64 -22.63 15.74 -5.98
N LYS C 65 -22.51 15.10 -7.14
CA LYS C 65 -22.87 13.69 -7.30
C LYS C 65 -21.67 13.00 -7.94
N GLY C 66 -20.90 12.25 -7.14
CA GLY C 66 -19.70 11.65 -7.67
C GLY C 66 -18.67 12.72 -7.98
N LYS C 67 -18.21 12.77 -9.22
CA LYS C 67 -17.25 13.79 -9.64
C LYS C 67 -17.92 14.95 -10.35
N THR C 68 -19.23 14.87 -10.59
CA THR C 68 -19.98 15.90 -11.26
C THR C 68 -20.43 16.93 -10.23
N ILE C 69 -20.35 18.19 -10.63
CA ILE C 69 -20.78 19.30 -9.79
C ILE C 69 -21.80 20.10 -10.58
N SER C 70 -22.94 20.38 -9.93
CA SER C 70 -24.00 21.24 -10.47
C SER C 70 -24.09 22.52 -9.64
N TYR C 71 -24.01 23.65 -10.31
CA TYR C 71 -23.94 24.98 -9.71
C TYR C 71 -25.19 25.73 -10.14
N TYR C 72 -25.99 26.20 -9.19
CA TYR C 72 -27.21 26.94 -9.50
C TYR C 72 -27.12 28.35 -8.91
N ASP C 73 -27.28 29.35 -9.75
CA ASP C 73 -27.34 30.74 -9.31
C ASP C 73 -28.82 31.16 -9.22
N ARG C 74 -29.27 31.40 -7.98
CA ARG C 74 -30.66 31.77 -7.71
C ARG C 74 -31.04 33.11 -8.34
N GLU C 75 -30.12 34.08 -8.28
CA GLU C 75 -30.38 35.41 -8.83
C GLU C 75 -30.56 35.37 -10.35
N LEU C 76 -29.65 34.72 -11.05
CA LEU C 76 -29.78 34.62 -12.50
C LEU C 76 -30.71 33.49 -12.90
N GLU C 77 -30.98 32.55 -12.00
CA GLU C 77 -31.71 31.34 -12.33
C GLU C 77 -31.02 30.61 -13.49
N GLU C 78 -29.69 30.50 -13.39
CA GLU C 78 -28.82 29.82 -14.35
C GLU C 78 -28.09 28.67 -13.69
N TYR C 79 -27.79 27.62 -14.47
CA TYR C 79 -26.99 26.48 -14.03
C TYR C 79 -25.62 26.50 -14.69
N SER C 80 -24.63 25.98 -13.98
CA SER C 80 -23.31 25.65 -14.54
C SER C 80 -22.92 24.25 -14.10
N TYR C 81 -22.23 23.52 -14.99
CA TYR C 81 -21.88 22.13 -14.75
C TYR C 81 -20.40 21.89 -15.00
N THR C 82 -19.74 21.17 -14.10
CA THR C 82 -18.39 20.74 -14.40
C THR C 82 -18.07 19.48 -13.63
N THR C 83 -16.90 18.92 -13.89
CA THR C 83 -16.46 17.69 -13.26
C THR C 83 -15.03 17.86 -12.76
N ILE C 84 -14.82 17.52 -11.48
CA ILE C 84 -13.50 17.57 -10.86
C ILE C 84 -13.25 16.26 -10.16
N ASN C 85 -12.04 15.71 -10.36
CA ASN C 85 -11.59 14.51 -9.64
C ASN C 85 -10.70 15.00 -8.50
N SER C 86 -11.35 15.36 -7.38
CA SER C 86 -10.64 15.86 -6.21
C SER C 86 -10.93 14.96 -5.02
N PRO C 87 -9.96 14.18 -4.54
CA PRO C 87 -10.20 13.40 -3.32
C PRO C 87 -10.46 14.28 -2.12
N ILE C 88 -10.04 15.55 -2.16
CA ILE C 88 -10.27 16.46 -1.05
C ILE C 88 -11.72 16.93 -1.03
N ILE C 89 -12.24 17.32 -2.20
CA ILE C 89 -13.60 17.86 -2.27
C ILE C 89 -14.62 16.79 -1.92
N ASN C 90 -14.41 15.56 -2.38
CA ASN C 90 -15.31 14.47 -2.07
C ASN C 90 -15.04 13.87 -0.71
N LEU C 91 -14.06 14.43 0.02
CA LEU C 91 -13.64 13.84 1.29
C LEU C 91 -14.84 13.59 2.19
N LEU C 92 -15.77 14.54 2.26
CA LEU C 92 -16.90 14.42 3.17
C LEU C 92 -17.86 13.31 2.75
N SER C 93 -17.98 13.02 1.45
CA SER C 93 -19.06 12.17 0.95
C SER C 93 -18.59 10.84 0.38
N SER C 94 -17.33 10.49 0.54
CA SER C 94 -16.77 9.40 -0.22
C SER C 94 -16.56 8.15 0.61
N ASP C 95 -16.40 7.04 -0.10
CA ASP C 95 -16.06 5.76 0.51
C ASP C 95 -14.54 5.66 0.69
N MET C 96 -14.08 4.54 1.25
CA MET C 96 -12.64 4.37 1.47
C MET C 96 -11.91 3.87 0.24
N LYS C 97 -12.59 3.55 -0.85
CA LYS C 97 -11.96 2.94 -2.02
C LYS C 97 -10.76 3.75 -2.51
N SER C 100 -7.01 4.30 -1.83
CA SER C 100 -6.99 5.68 -1.36
C SER C 100 -5.55 6.18 -1.33
N THR C 101 -5.29 7.22 -2.13
CA THR C 101 -4.00 7.87 -2.27
C THR C 101 -3.81 9.10 -1.39
N ILE C 102 -4.70 9.35 -0.47
CA ILE C 102 -4.53 10.47 0.44
C ILE C 102 -3.51 10.10 1.53
N ASP C 103 -2.64 11.06 1.84
CA ASP C 103 -1.65 10.89 2.88
C ASP C 103 -2.22 11.41 4.20
N PHE C 104 -2.15 10.59 5.24
CA PHE C 104 -2.64 10.93 6.56
C PHE C 104 -1.41 11.12 7.43
N VAL C 105 -1.29 12.31 8.02
CA VAL C 105 -0.03 12.78 8.59
C VAL C 105 -0.05 12.63 10.09
N ASN C 106 -1.11 13.10 10.72
CA ASN C 106 -1.15 13.13 12.17
C ASN C 106 -2.59 13.20 12.64
N ILE C 107 -2.77 12.77 13.89
CA ILE C 107 -3.99 13.04 14.64
C ILE C 107 -3.55 13.72 15.93
N ASP C 108 -4.21 14.81 16.27
CA ASP C 108 -3.99 15.50 17.52
C ASP C 108 -5.28 15.45 18.31
N THR C 109 -5.16 15.44 19.63
CA THR C 109 -6.33 15.44 20.50
C THR C 109 -6.29 16.74 21.30
N VAL C 110 -7.34 17.55 21.11
CA VAL C 110 -7.42 18.89 21.67
C VAL C 110 -8.84 19.07 22.16
N ASN C 111 -9.02 19.30 23.45
CA ASN C 111 -10.35 19.53 24.01
C ASN C 111 -11.27 18.36 23.68
N ASN C 112 -10.73 17.14 23.78
CA ASN C 112 -11.50 15.93 23.45
C ASN C 112 -12.08 15.99 22.04
N GLN C 113 -11.36 16.64 21.12
CA GLN C 113 -11.65 16.59 19.70
C GLN C 113 -10.43 16.04 18.96
N LYS C 114 -10.70 15.30 17.89
CA LYS C 114 -9.65 14.70 17.09
C LYS C 114 -9.46 15.52 15.83
N ILE C 115 -8.22 15.91 15.58
CA ILE C 115 -7.85 16.69 14.39
C ILE C 115 -6.98 15.82 13.51
N VAL C 116 -7.52 15.46 12.35
CA VAL C 116 -6.85 14.62 11.37
C VAL C 116 -6.31 15.54 10.30
N THR C 117 -4.99 15.50 10.11
CA THR C 117 -4.33 16.25 9.04
C THR C 117 -3.98 15.27 7.93
N LEU C 118 -4.42 15.61 6.74
CA LEU C 118 -4.18 14.82 5.54
C LEU C 118 -3.72 15.72 4.40
N TYR C 119 -3.17 15.08 3.38
CA TYR C 119 -2.72 15.78 2.17
C TYR C 119 -3.24 15.02 0.96
N ASP C 120 -3.84 15.73 0.04
CA ASP C 120 -4.23 15.17 -1.25
C ASP C 120 -3.16 15.55 -2.26
N LYS C 121 -2.44 14.54 -2.77
CA LYS C 121 -1.40 14.79 -3.75
C LYS C 121 -2.00 15.28 -5.06
N LYS C 122 -3.23 14.87 -5.34
CA LYS C 122 -3.88 15.23 -6.59
C LYS C 122 -4.02 16.74 -6.70
N SER C 123 -4.68 17.35 -5.71
CA SER C 123 -4.95 18.78 -5.77
C SER C 123 -3.88 19.63 -5.10
N GLU C 124 -2.87 19.01 -4.50
CA GLU C 124 -1.90 19.74 -3.69
C GLU C 124 -2.60 20.44 -2.53
N SER C 125 -3.62 19.82 -1.98
CA SER C 125 -4.39 20.42 -0.92
C SER C 125 -4.12 19.69 0.37
N GLN C 126 -3.94 20.46 1.43
CA GLN C 126 -3.90 19.93 2.77
C GLN C 126 -5.27 20.15 3.38
N ALA C 127 -5.64 19.26 4.29
CA ALA C 127 -6.89 19.37 5.01
C ALA C 127 -6.68 18.91 6.44
N GLU C 128 -7.29 19.66 7.34
CA GLU C 128 -7.49 19.26 8.72
C GLU C 128 -8.98 19.02 8.89
N VAL C 129 -9.35 17.86 9.41
CA VAL C 129 -10.74 17.54 9.71
C VAL C 129 -10.86 17.31 11.20
N ILE C 130 -11.81 17.98 11.81
CA ILE C 130 -11.97 18.01 13.25
C ILE C 130 -13.21 17.18 13.57
N PHE C 131 -13.05 16.22 14.47
CA PHE C 131 -14.12 15.34 14.91
C PHE C 131 -14.35 15.49 16.40
N ASN C 132 -15.62 15.45 16.79
CA ASN C 132 -15.94 15.07 18.15
C ASN C 132 -15.95 13.57 18.29
N ILE C 133 -15.92 13.12 19.53
CA ILE C 133 -15.96 11.69 19.82
C ILE C 133 -17.06 11.45 20.84
N ASN C 134 -17.42 10.19 20.99
CA ASN C 134 -18.43 9.76 21.96
C ASN C 134 -19.69 10.63 21.86
N PRO C 135 -20.37 10.66 20.71
CA PRO C 135 -20.10 9.91 19.47
C PRO C 135 -19.27 10.63 18.43
N ILE C 136 -18.83 9.87 17.42
CA ILE C 136 -18.04 10.43 16.34
C ILE C 136 -18.93 11.31 15.47
N THR C 137 -18.53 12.55 15.30
CA THR C 137 -19.23 13.45 14.40
C THR C 137 -18.22 14.43 13.84
N ILE C 138 -18.41 14.83 12.58
CA ILE C 138 -17.53 15.84 11.98
C ILE C 138 -18.01 17.20 12.47
N VAL C 139 -17.08 18.04 12.91
CA VAL C 139 -17.46 19.37 13.35
C VAL C 139 -16.83 20.48 12.54
N GLY C 140 -15.77 20.23 11.78
CA GLY C 140 -15.08 21.31 11.09
C GLY C 140 -14.09 20.76 10.10
N LEU C 141 -13.69 21.62 9.18
CA LEU C 141 -12.84 21.23 8.05
C LEU C 141 -12.01 22.46 7.69
N ASN C 142 -10.69 22.34 7.65
CA ASN C 142 -9.82 23.40 7.15
C ASN C 142 -9.10 22.88 5.92
N ILE C 143 -9.22 23.61 4.81
CA ILE C 143 -8.58 23.25 3.56
C ILE C 143 -7.62 24.34 3.15
N SER C 144 -6.40 23.95 2.79
CA SER C 144 -5.36 24.86 2.33
C SER C 144 -4.73 24.28 1.08
N ASN C 145 -4.59 25.13 0.08
CA ASN C 145 -3.90 24.78 -1.15
C ASN C 145 -2.94 25.91 -1.47
N PRO C 146 -2.14 25.82 -2.54
CA PRO C 146 -1.16 26.88 -2.78
C PRO C 146 -1.77 28.26 -2.85
N ASP C 147 -3.04 28.37 -3.27
CA ASP C 147 -3.69 29.65 -3.55
C ASP C 147 -4.47 30.24 -2.37
N SER C 148 -5.07 29.39 -1.56
CA SER C 148 -6.07 29.87 -0.62
C SER C 148 -6.24 28.86 0.50
N THR C 149 -6.83 29.35 1.59
CA THR C 149 -7.26 28.51 2.69
C THR C 149 -8.74 28.79 2.94
N THR C 150 -9.48 27.74 3.26
CA THR C 150 -10.88 27.85 3.64
C THR C 150 -11.10 27.15 4.97
N SER C 151 -11.80 27.81 5.87
CA SER C 151 -12.10 27.27 7.18
C SER C 151 -13.61 27.12 7.28
N ILE C 152 -14.07 25.92 7.62
CA ILE C 152 -15.49 25.58 7.67
C ILE C 152 -15.79 24.95 9.02
N GLN C 153 -16.90 25.33 9.63
CA GLN C 153 -17.41 24.67 10.82
C GLN C 153 -18.90 24.36 10.70
N PHE C 154 -19.30 23.23 11.29
CA PHE C 154 -20.68 22.75 11.21
C PHE C 154 -21.39 22.95 12.54
N TYR C 155 -22.69 23.20 12.44
CA TYR C 155 -23.53 23.49 13.57
C TYR C 155 -24.86 22.82 13.31
N ASN C 156 -25.68 22.72 14.35
CA ASN C 156 -27.00 22.12 14.22
C ASN C 156 -26.91 20.77 13.50
N ILE C 157 -26.05 19.91 13.99
CA ILE C 157 -25.68 18.72 13.26
C ILE C 157 -26.62 17.57 13.64
N SER C 158 -27.09 16.83 12.64
CA SER C 158 -27.67 15.51 12.85
C SER C 158 -26.89 14.50 12.01
N SER C 159 -26.39 13.43 12.64
CA SER C 159 -25.48 12.49 12.01
C SER C 159 -26.12 11.11 11.83
N ASN C 160 -25.81 10.48 10.69
CA ASN C 160 -26.19 9.11 10.39
C ASN C 160 -27.69 8.93 10.44
N ILE C 161 -28.39 9.94 9.96
CA ILE C 161 -29.84 9.91 9.80
C ILE C 161 -30.10 9.44 8.37
N PRO C 162 -31.28 8.90 8.09
CA PRO C 162 -31.68 8.67 6.70
C PRO C 162 -31.84 9.97 5.92
N ILE C 163 -31.33 9.96 4.69
CA ILE C 163 -31.49 11.11 3.79
C ILE C 163 -31.85 10.56 2.42
N ASP C 164 -33.05 10.88 1.94
CA ASP C 164 -33.47 10.37 0.64
C ASP C 164 -32.62 11.00 -0.47
N LYS C 165 -32.23 10.18 -1.44
CA LYS C 165 -31.37 10.72 -2.48
C LYS C 165 -32.07 11.83 -3.27
N ALA C 166 -33.40 11.88 -3.24
CA ALA C 166 -34.14 12.95 -3.92
C ALA C 166 -33.85 14.34 -3.34
N GLU C 167 -33.42 14.43 -2.08
CA GLU C 167 -33.13 15.72 -1.46
C GLU C 167 -31.92 16.40 -2.10
N PHE C 168 -31.16 15.67 -2.90
CA PHE C 168 -29.94 16.21 -3.51
C PHE C 168 -30.33 16.87 -4.83
N LYS C 169 -31.05 17.96 -4.67
CA LYS C 169 -31.54 18.77 -5.77
C LYS C 169 -31.52 20.23 -5.33
N HIS C 170 -31.34 21.12 -6.30
CA HIS C 170 -31.34 22.53 -5.99
C HIS C 170 -32.74 22.97 -5.57
N ASP C 171 -32.80 23.85 -4.57
CA ASP C 171 -34.07 24.41 -4.12
C ASP C 171 -34.45 25.57 -5.03
N ILE C 172 -35.60 25.44 -5.69
CA ILE C 172 -36.12 26.47 -6.57
C ILE C 172 -37.11 27.33 -5.80
N SER C 173 -37.05 28.64 -6.03
CA SER C 173 -38.02 29.56 -5.45
C SER C 173 -39.44 29.13 -5.82
N HIS C 174 -40.23 28.80 -4.81
CA HIS C 174 -41.62 28.45 -5.04
C HIS C 174 -42.49 29.45 -4.28
N TYR C 175 -42.20 30.74 -4.42
CA TYR C 175 -42.86 31.76 -3.59
C TYR C 175 -44.35 31.47 -3.51
N TYR C 176 -44.89 31.59 -2.29
CA TYR C 176 -46.31 31.40 -1.96
C TYR C 176 -46.74 29.94 -1.78
N SER C 177 -45.78 28.99 -1.74
CA SER C 177 -46.15 27.61 -1.41
C SER C 177 -47.01 27.56 -0.14
N GLU C 178 -46.88 28.54 0.73
CA GLU C 178 -47.72 28.72 1.91
C GLU C 178 -49.20 28.40 1.66
C1 GOL D . -15.55 -20.54 15.20
O1 GOL D . -16.85 -20.27 15.63
C2 GOL D . -15.17 -21.95 15.54
O2 GOL D . -13.86 -22.23 15.06
C3 GOL D . -15.18 -22.17 17.05
O3 GOL D . -16.34 -21.58 17.58
C1 GOL E . 31.98 -11.45 -19.19
O1 GOL E . 31.85 -10.02 -19.29
C2 GOL E . 33.13 -11.81 -18.27
O2 GOL E . 33.00 -13.16 -17.90
C3 GOL E . 34.46 -11.59 -18.97
O3 GOL E . 35.38 -12.55 -18.46
O1 PG4 F . 28.07 -10.23 -9.95
C1 PG4 F . 26.89 -9.46 -9.87
C2 PG4 F . 27.18 -8.16 -9.15
O2 PG4 F . 26.29 -7.15 -9.53
C3 PG4 F . 26.97 -6.08 -10.13
C4 PG4 F . 25.94 -5.15 -10.68
O3 PG4 F . 25.81 -4.00 -9.88
C5 PG4 F . 25.41 -2.86 -10.61
C6 PG4 F . 24.29 -2.17 -9.89
O4 PG4 F . 23.44 -1.45 -10.77
C7 PG4 F . 22.34 -2.17 -11.28
C8 PG4 F . 21.12 -1.27 -11.38
O5 PG4 F . 20.86 -0.90 -12.73
#